data_6B4T
#
_entry.id   6B4T
#
_cell.length_a   99.950
_cell.length_b   99.950
_cell.length_c   99.950
_cell.angle_alpha   90.00
_cell.angle_beta   90.00
_cell.angle_gamma   90.00
#
_symmetry.space_group_name_H-M   'P 21 3'
#
loop_
_entity.id
_entity.type
_entity.pdbx_description
1 polymer 'Purine nucleoside phosphorylase'
2 non-polymer 'DIMETHYL SULFOXIDE'
3 non-polymer 4-methylpyridin-2-ol
4 water water
#
_entity_poly.entity_id   1
_entity_poly.type   'polypeptide(L)'
_entity_poly.pdbx_seq_one_letter_code
;MTTPVVANYENASMAADYIKRVSNVLPDIGII(CME)GSGLGKLIEEIEERKVIPYINIPNFPKTTVAGHVGNLVLGSVG
GRKIVAMQGRLHMYEGYSNQEIALPIRVMKLLGVRVLLITNLAGGINRKLKSGDFVLIKGHINFPGLGLNNVLVGPNQDE
FGPRFPDLSNAYDRLLQQLALKIAQENDFQDLVHEGVYAFNGGPTYESPDESNMLLKLGCDVVGMSTVPEVIIACHCGIK
VLAVSLIANNSILDAENDVSINHEKVLAVAEKRADLLQMWFKEIITRLPLD
;
_entity_poly.pdbx_strand_id   A
#
loop_
_chem_comp.id
_chem_comp.type
_chem_comp.name
_chem_comp.formula
CQJ non-polymer 4-methylpyridin-2-ol 'C6 H7 N O'
DMS non-polymer 'DIMETHYL SULFOXIDE' 'C2 H6 O S'
#
# COMPACT_ATOMS: atom_id res chain seq x y z
N VAL A 5 -17.01 -9.53 -11.94
CA VAL A 5 -16.97 -10.38 -10.76
C VAL A 5 -16.97 -9.50 -9.49
N VAL A 6 -17.98 -9.69 -8.65
CA VAL A 6 -18.13 -8.92 -7.42
C VAL A 6 -17.17 -9.45 -6.35
N ALA A 7 -16.63 -8.54 -5.51
CA ALA A 7 -15.76 -8.92 -4.40
C ALA A 7 -16.59 -9.38 -3.18
N ASN A 8 -17.38 -10.44 -3.40
CA ASN A 8 -18.25 -10.99 -2.36
C ASN A 8 -17.61 -12.22 -1.69
N TYR A 9 -18.31 -12.70 -0.66
CA TYR A 9 -17.83 -13.80 0.19
C TYR A 9 -17.62 -15.09 -0.61
N GLU A 10 -18.58 -15.43 -1.47
CA GLU A 10 -18.48 -16.64 -2.29
C GLU A 10 -17.26 -16.59 -3.21
N ASN A 11 -17.08 -15.46 -3.92
CA ASN A 11 -16.02 -15.37 -4.93
C ASN A 11 -14.64 -15.31 -4.27
N ALA A 12 -14.51 -14.56 -3.17
CA ALA A 12 -13.26 -14.55 -2.43
C ALA A 12 -12.93 -15.93 -1.88
N SER A 13 -13.94 -16.68 -1.41
CA SER A 13 -13.72 -18.03 -0.90
C SER A 13 -13.15 -18.97 -1.96
N MET A 14 -13.65 -18.87 -3.20
N MET A 14 -13.62 -18.85 -3.21
CA MET A 14 -13.15 -19.73 -4.27
CA MET A 14 -13.14 -19.75 -4.25
C MET A 14 -11.67 -19.48 -4.52
C MET A 14 -11.68 -19.48 -4.58
N ALA A 15 -11.28 -18.21 -4.58
CA ALA A 15 -9.86 -17.87 -4.77
C ALA A 15 -9.02 -18.41 -3.62
N ALA A 16 -9.49 -18.22 -2.37
CA ALA A 16 -8.72 -18.72 -1.23
C ALA A 16 -8.57 -20.23 -1.25
N ASP A 17 -9.62 -20.95 -1.66
CA ASP A 17 -9.54 -22.40 -1.76
C ASP A 17 -8.40 -22.84 -2.67
N TYR A 18 -8.30 -22.23 -3.85
CA TYR A 18 -7.23 -22.55 -4.79
C TYR A 18 -5.87 -22.32 -4.17
N ILE A 19 -5.70 -21.14 -3.54
CA ILE A 19 -4.41 -20.76 -2.97
C ILE A 19 -4.00 -21.75 -1.89
N LYS A 20 -4.94 -22.11 -1.00
CA LYS A 20 -4.62 -23.04 0.07
C LYS A 20 -4.16 -24.39 -0.47
N ARG A 21 -4.79 -24.87 -1.55
CA ARG A 21 -4.40 -26.14 -2.14
C ARG A 21 -2.97 -26.10 -2.65
N VAL A 22 -2.53 -24.96 -3.21
CA VAL A 22 -1.26 -24.90 -3.90
C VAL A 22 -0.08 -24.58 -2.96
N SER A 23 -0.30 -23.82 -1.89
CA SER A 23 0.81 -23.24 -1.15
C SER A 23 1.06 -23.85 0.21
N ASN A 24 0.03 -24.32 0.90
CA ASN A 24 0.18 -24.92 2.23
C ASN A 24 0.53 -23.90 3.31
N VAL A 25 0.80 -22.65 2.93
CA VAL A 25 1.14 -21.59 3.87
C VAL A 25 -0.15 -20.97 4.41
N LEU A 26 -0.21 -20.79 5.72
CA LEU A 26 -1.29 -20.04 6.35
C LEU A 26 -0.74 -18.72 6.90
N PRO A 27 -0.84 -17.63 6.14
CA PRO A 27 -0.18 -16.38 6.54
C PRO A 27 -1.04 -15.61 7.52
N ASP A 28 -0.37 -14.90 8.44
CA ASP A 28 -1.10 -13.89 9.21
C ASP A 28 -0.61 -12.46 8.97
N ILE A 29 0.34 -12.26 8.04
CA ILE A 29 0.83 -10.94 7.64
C ILE A 29 0.73 -10.81 6.12
N GLY A 30 0.27 -9.65 5.65
CA GLY A 30 0.25 -9.35 4.22
C GLY A 30 1.11 -8.13 3.91
N ILE A 31 1.70 -8.11 2.71
CA ILE A 31 2.51 -6.97 2.28
C ILE A 31 2.16 -6.57 0.84
N ILE A 32 2.15 -5.25 0.59
CA ILE A 32 1.98 -4.65 -0.74
C ILE A 32 3.08 -3.63 -0.91
N CME A 33 3.97 -3.85 -1.87
CA CME A 33 5.17 -3.02 -2.00
CB CME A 33 6.45 -3.87 -2.18
SG CME A 33 6.56 -5.13 -0.94
SD CME A 33 6.71 -4.10 0.90
CE CME A 33 8.42 -4.14 1.28
CZ CME A 33 9.05 -2.78 1.42
OH CME A 33 8.74 -2.05 0.23
C CME A 33 5.04 -2.08 -3.19
O CME A 33 4.52 -2.37 -4.28
HA CME A 33 5.26 -2.41 -1.05
HB2 CME A 33 7.34 -3.21 -2.15
HB3 CME A 33 6.43 -4.43 -3.15
HE2 CME A 33 8.87 -4.68 0.41
HE3 CME A 33 8.64 -4.74 2.19
HZ2 CME A 33 10.16 -2.86 1.53
HZ3 CME A 33 8.63 -2.24 2.31
HH CME A 33 9.45 -1.42 0.10
N GLY A 34 5.57 -0.87 -2.97
CA GLY A 34 5.56 0.16 -4.01
C GLY A 34 6.52 -0.01 -5.17
N SER A 35 6.44 0.94 -6.11
CA SER A 35 7.19 0.89 -7.36
C SER A 35 8.69 0.93 -7.10
N GLY A 36 9.40 -0.11 -7.55
CA GLY A 36 10.84 -0.21 -7.30
C GLY A 36 11.23 -0.60 -5.89
N LEU A 37 10.27 -0.98 -5.05
CA LEU A 37 10.46 -1.27 -3.63
C LEU A 37 10.09 -2.72 -3.28
N GLY A 38 10.21 -3.64 -4.25
CA GLY A 38 9.76 -5.01 -4.05
C GLY A 38 10.85 -6.05 -3.79
N LYS A 39 12.09 -5.63 -3.59
CA LYS A 39 13.19 -6.57 -3.44
C LYS A 39 12.93 -7.61 -2.33
N LEU A 40 12.24 -7.23 -1.26
CA LEU A 40 12.00 -8.16 -0.16
C LEU A 40 11.28 -9.42 -0.61
N ILE A 41 10.37 -9.28 -1.58
CA ILE A 41 9.59 -10.42 -2.07
C ILE A 41 10.51 -11.49 -2.66
N GLU A 42 11.61 -11.08 -3.29
CA GLU A 42 12.53 -12.07 -3.87
C GLU A 42 13.33 -12.82 -2.80
N GLU A 43 13.21 -12.45 -1.53
CA GLU A 43 13.94 -13.11 -0.45
C GLU A 43 13.00 -13.84 0.52
N ILE A 44 11.73 -14.01 0.15
CA ILE A 44 10.82 -14.84 0.95
C ILE A 44 11.31 -16.28 0.90
N GLU A 45 11.35 -16.94 2.07
CA GLU A 45 11.88 -18.28 2.20
C GLU A 45 10.83 -19.34 1.91
N GLU A 46 11.28 -20.48 1.41
CA GLU A 46 10.43 -21.62 1.06
C GLU A 46 9.16 -21.14 0.39
N ARG A 47 9.37 -20.40 -0.70
CA ARG A 47 8.30 -19.58 -1.24
C ARG A 47 7.57 -20.29 -2.37
N LYS A 48 6.40 -19.74 -2.68
CA LYS A 48 5.51 -20.24 -3.71
C LYS A 48 4.97 -19.05 -4.48
N VAL A 49 5.22 -19.02 -5.79
CA VAL A 49 4.80 -17.91 -6.66
C VAL A 49 3.57 -18.35 -7.45
N ILE A 50 2.47 -17.62 -7.29
CA ILE A 50 1.19 -17.93 -7.95
C ILE A 50 0.77 -16.77 -8.85
N PRO A 51 0.87 -16.90 -10.19
CA PRO A 51 0.40 -15.81 -11.06
C PRO A 51 -1.07 -15.50 -10.86
N TYR A 52 -1.40 -14.20 -10.83
CA TYR A 52 -2.78 -13.78 -10.67
C TYR A 52 -3.68 -14.50 -11.69
N ILE A 53 -3.18 -14.67 -12.92
CA ILE A 53 -4.02 -15.16 -14.00
C ILE A 53 -4.45 -16.60 -13.76
N ASN A 54 -3.74 -17.33 -12.90
CA ASN A 54 -4.10 -18.70 -12.53
C ASN A 54 -5.14 -18.80 -11.40
N ILE A 55 -5.44 -17.71 -10.68
CA ILE A 55 -6.25 -17.77 -9.46
C ILE A 55 -7.70 -17.47 -9.81
N PRO A 56 -8.64 -18.35 -9.47
CA PRO A 56 -10.05 -18.08 -9.78
C PRO A 56 -10.53 -16.76 -9.20
N ASN A 57 -11.20 -15.96 -10.05
CA ASN A 57 -11.83 -14.69 -9.72
C ASN A 57 -10.86 -13.54 -9.48
N PHE A 58 -9.54 -13.72 -9.65
CA PHE A 58 -8.64 -12.56 -9.57
C PHE A 58 -8.85 -11.64 -10.79
N PRO A 59 -8.62 -10.34 -10.63
CA PRO A 59 -8.88 -9.40 -11.74
C PRO A 59 -7.92 -9.62 -12.92
N LYS A 60 -8.46 -9.42 -14.13
CA LYS A 60 -7.66 -9.48 -15.35
C LYS A 60 -6.73 -8.27 -15.42
N THR A 61 -5.43 -8.52 -15.65
CA THR A 61 -4.42 -7.46 -15.64
C THR A 61 -3.58 -7.44 -16.91
N THR A 62 -4.02 -8.09 -18.00
CA THR A 62 -3.22 -8.19 -19.21
C THR A 62 -3.20 -6.90 -20.04
N VAL A 63 -4.19 -6.01 -19.92
CA VAL A 63 -4.11 -4.77 -20.70
C VAL A 63 -2.93 -3.94 -20.20
N ALA A 64 -2.79 -3.82 -18.88
CA ALA A 64 -1.65 -3.08 -18.32
C ALA A 64 -0.36 -3.88 -18.47
N GLY A 65 -0.45 -5.20 -18.40
CA GLY A 65 0.73 -6.04 -18.51
C GLY A 65 1.60 -5.94 -17.26
N HIS A 66 2.87 -6.33 -17.44
CA HIS A 66 3.86 -6.36 -16.37
C HIS A 66 3.51 -7.38 -15.29
N VAL A 67 4.34 -7.48 -14.24
CA VAL A 67 4.26 -8.61 -13.31
C VAL A 67 2.97 -8.57 -12.47
N GLY A 68 2.44 -9.76 -12.18
CA GLY A 68 1.31 -9.86 -11.28
C GLY A 68 1.24 -11.24 -10.65
N ASN A 69 1.83 -11.38 -9.46
CA ASN A 69 1.93 -12.65 -8.74
C ASN A 69 1.56 -12.46 -7.27
N LEU A 70 0.95 -13.51 -6.70
CA LEU A 70 0.83 -13.66 -5.25
C LEU A 70 1.97 -14.57 -4.79
N VAL A 71 2.72 -14.15 -3.76
CA VAL A 71 3.88 -14.90 -3.29
C VAL A 71 3.72 -15.21 -1.80
N LEU A 72 3.78 -16.49 -1.44
CA LEU A 72 3.62 -16.95 -0.06
C LEU A 72 4.90 -17.62 0.44
N GLY A 73 5.21 -17.41 1.72
CA GLY A 73 6.39 -18.03 2.31
C GLY A 73 6.69 -17.42 3.67
N SER A 74 7.96 -17.51 4.09
CA SER A 74 8.37 -17.08 5.43
C SER A 74 9.40 -15.96 5.39
N VAL A 75 9.26 -15.01 6.32
CA VAL A 75 10.25 -13.95 6.58
C VAL A 75 10.43 -13.83 8.09
N GLY A 76 11.67 -13.92 8.56
CA GLY A 76 11.95 -13.79 9.98
C GLY A 76 11.17 -14.75 10.87
N GLY A 77 10.90 -15.95 10.36
CA GLY A 77 10.09 -16.91 11.09
C GLY A 77 8.59 -16.68 11.05
N ARG A 78 8.11 -15.69 10.28
CA ARG A 78 6.70 -15.34 10.22
C ARG A 78 6.14 -15.72 8.85
N LYS A 79 4.85 -16.09 8.83
CA LYS A 79 4.20 -16.54 7.61
C LYS A 79 3.55 -15.35 6.92
N ILE A 80 3.90 -15.10 5.65
CA ILE A 80 3.42 -13.92 4.95
C ILE A 80 2.85 -14.24 3.56
N VAL A 81 2.03 -13.32 3.06
CA VAL A 81 1.56 -13.31 1.67
C VAL A 81 1.80 -11.91 1.09
N ALA A 82 2.39 -11.85 -0.11
CA ALA A 82 2.75 -10.59 -0.76
C ALA A 82 2.03 -10.47 -2.10
N MET A 83 1.58 -9.26 -2.42
CA MET A 83 1.14 -8.93 -3.77
C MET A 83 2.34 -8.34 -4.53
N GLN A 84 2.76 -9.04 -5.59
CA GLN A 84 3.87 -8.60 -6.44
C GLN A 84 3.27 -8.04 -7.74
N GLY A 85 3.18 -6.72 -7.81
CA GLY A 85 2.42 -6.08 -8.87
C GLY A 85 1.11 -5.55 -8.31
N ARG A 86 1.15 -4.32 -7.85
CA ARG A 86 -0.03 -3.68 -7.24
C ARG A 86 -1.04 -3.23 -8.30
N LEU A 87 -2.31 -3.27 -7.94
CA LEU A 87 -3.36 -2.73 -8.81
C LEU A 87 -3.65 -1.26 -8.45
N HIS A 88 -3.57 -0.36 -9.43
CA HIS A 88 -3.82 1.07 -9.23
C HIS A 88 -5.10 1.54 -9.91
N MET A 89 -5.88 2.40 -9.22
CA MET A 89 -7.18 2.79 -9.76
C MET A 89 -7.04 3.71 -11.01
N TYR A 90 -5.91 4.41 -11.20
CA TYR A 90 -5.77 5.18 -12.45
C TYR A 90 -5.67 4.29 -13.68
N GLU A 91 -5.49 2.96 -13.53
CA GLU A 91 -5.50 2.06 -14.69
C GLU A 91 -6.90 1.74 -15.19
N GLY A 92 -7.92 2.11 -14.43
CA GLY A 92 -9.29 1.82 -14.79
C GLY A 92 -9.92 0.63 -14.08
N TYR A 93 -9.20 -0.02 -13.17
CA TYR A 93 -9.78 -1.13 -12.39
C TYR A 93 -10.98 -0.63 -11.58
N SER A 94 -11.99 -1.47 -11.46
CA SER A 94 -13.17 -1.15 -10.65
C SER A 94 -12.93 -1.34 -9.15
N ASN A 95 -13.87 -0.81 -8.36
CA ASN A 95 -13.90 -1.05 -6.92
C ASN A 95 -13.81 -2.54 -6.59
N GLN A 96 -14.57 -3.36 -7.32
CA GLN A 96 -14.62 -4.80 -7.05
C GLN A 96 -13.27 -5.47 -7.34
N GLU A 97 -12.57 -5.02 -8.38
CA GLU A 97 -11.26 -5.61 -8.71
C GLU A 97 -10.19 -5.26 -7.66
N ILE A 98 -10.17 -4.01 -7.16
CA ILE A 98 -9.22 -3.61 -6.12
C ILE A 98 -9.47 -4.41 -4.85
N ALA A 99 -10.75 -4.58 -4.46
CA ALA A 99 -11.07 -5.12 -3.14
C ALA A 99 -10.86 -6.62 -3.06
N LEU A 100 -11.05 -7.38 -4.14
CA LEU A 100 -11.05 -8.84 -3.98
C LEU A 100 -9.72 -9.39 -3.46
N PRO A 101 -8.54 -8.97 -3.93
CA PRO A 101 -7.30 -9.53 -3.34
C PRO A 101 -7.13 -9.28 -1.84
N ILE A 102 -7.60 -8.13 -1.32
CA ILE A 102 -7.49 -7.85 0.11
C ILE A 102 -8.44 -8.74 0.89
N ARG A 103 -9.66 -8.94 0.38
CA ARG A 103 -10.61 -9.83 1.05
C ARG A 103 -10.18 -11.30 1.02
N VAL A 104 -9.47 -11.73 -0.03
CA VAL A 104 -8.82 -13.06 -0.05
C VAL A 104 -7.76 -13.14 1.05
N MET A 105 -6.91 -12.11 1.19
CA MET A 105 -5.98 -12.07 2.31
C MET A 105 -6.69 -12.28 3.64
N LYS A 106 -7.84 -11.61 3.84
CA LYS A 106 -8.58 -11.78 5.08
C LYS A 106 -8.98 -13.24 5.29
N LEU A 107 -9.57 -13.86 4.27
CA LEU A 107 -9.99 -15.26 4.38
C LEU A 107 -8.83 -16.20 4.62
N LEU A 108 -7.61 -15.87 4.13
CA LEU A 108 -6.43 -16.70 4.34
C LEU A 108 -5.89 -16.61 5.77
N GLY A 109 -6.28 -15.59 6.52
CA GLY A 109 -5.87 -15.43 7.89
C GLY A 109 -5.10 -14.16 8.24
N VAL A 110 -4.95 -13.22 7.28
CA VAL A 110 -4.13 -12.03 7.50
C VAL A 110 -4.78 -11.13 8.54
N ARG A 111 -3.97 -10.72 9.55
CA ARG A 111 -4.39 -9.79 10.58
C ARG A 111 -3.68 -8.44 10.53
N VAL A 112 -2.53 -8.35 9.86
CA VAL A 112 -1.72 -7.12 9.73
C VAL A 112 -1.30 -6.97 8.27
N LEU A 113 -1.49 -5.76 7.70
CA LEU A 113 -1.11 -5.43 6.32
C LEU A 113 -0.09 -4.30 6.34
N LEU A 114 1.08 -4.55 5.73
CA LEU A 114 2.17 -3.56 5.62
C LEU A 114 2.25 -3.06 4.18
N ILE A 115 2.26 -1.72 3.98
CA ILE A 115 2.15 -1.11 2.66
C ILE A 115 3.23 -0.05 2.48
N THR A 116 3.88 -0.04 1.29
CA THR A 116 4.80 1.06 0.94
C THR A 116 4.37 1.69 -0.38
N ASN A 117 4.73 2.97 -0.57
CA ASN A 117 4.47 3.68 -1.81
C ASN A 117 5.56 4.74 -2.03
N LEU A 118 5.59 5.25 -3.28
CA LEU A 118 6.37 6.42 -3.66
C LEU A 118 5.42 7.61 -3.79
N ALA A 119 5.80 8.76 -3.23
CA ALA A 119 4.91 9.91 -3.12
C ALA A 119 5.66 11.23 -3.29
N GLY A 120 4.90 12.30 -3.47
CA GLY A 120 5.44 13.67 -3.52
C GLY A 120 5.31 14.38 -2.18
N GLY A 121 6.35 15.14 -1.82
CA GLY A 121 6.34 15.93 -0.59
C GLY A 121 5.64 17.27 -0.74
N ILE A 122 4.79 17.60 0.24
CA ILE A 122 4.12 18.90 0.34
C ILE A 122 4.66 19.71 1.52
N ASN A 123 4.68 19.13 2.72
CA ASN A 123 5.24 19.78 3.91
C ASN A 123 6.66 20.23 3.64
N ARG A 124 6.98 21.45 4.09
CA ARG A 124 8.28 22.02 3.74
C ARG A 124 9.45 21.30 4.41
N LYS A 125 9.24 20.50 5.45
CA LYS A 125 10.37 19.81 6.06
C LYS A 125 10.72 18.47 5.37
N LEU A 126 10.02 18.10 4.29
CA LEU A 126 10.27 16.84 3.59
C LEU A 126 11.21 17.02 2.40
N LYS A 127 12.23 16.16 2.30
CA LYS A 127 13.23 16.14 1.24
C LYS A 127 13.13 14.82 0.47
N SER A 128 13.67 14.84 -0.75
CA SER A 128 13.85 13.59 -1.49
C SER A 128 14.68 12.59 -0.66
N GLY A 129 14.17 11.34 -0.55
CA GLY A 129 14.81 10.30 0.23
C GLY A 129 14.24 10.09 1.62
N ASP A 130 13.37 10.97 2.10
CA ASP A 130 12.77 10.83 3.43
C ASP A 130 11.65 9.77 3.40
N PHE A 131 11.36 9.19 4.59
CA PHE A 131 10.22 8.29 4.77
C PHE A 131 9.15 8.99 5.61
N VAL A 132 7.87 8.74 5.30
CA VAL A 132 6.75 9.28 6.09
C VAL A 132 5.86 8.12 6.58
N LEU A 133 5.75 7.98 7.90
CA LEU A 133 4.75 7.10 8.51
C LEU A 133 3.39 7.79 8.37
N ILE A 134 2.45 7.15 7.68
CA ILE A 134 1.15 7.79 7.41
C ILE A 134 0.26 7.65 8.64
N LYS A 135 -0.28 8.78 9.13
CA LYS A 135 -1.11 8.78 10.34
C LYS A 135 -2.58 9.12 10.07
N GLY A 136 -2.93 9.48 8.84
CA GLY A 136 -4.29 9.81 8.42
C GLY A 136 -4.28 10.18 6.95
N HIS A 137 -5.47 10.42 6.37
CA HIS A 137 -5.52 10.72 4.93
C HIS A 137 -6.65 11.70 4.57
N ILE A 138 -6.53 12.28 3.38
CA ILE A 138 -7.59 13.06 2.74
C ILE A 138 -7.90 12.39 1.41
N ASN A 139 -9.11 11.83 1.30
CA ASN A 139 -9.51 10.92 0.21
C ASN A 139 -10.36 11.70 -0.81
N PHE A 140 -9.70 12.39 -1.75
CA PHE A 140 -10.47 13.19 -2.70
C PHE A 140 -11.41 12.33 -3.55
N PRO A 141 -11.03 11.14 -4.06
CA PRO A 141 -12.03 10.29 -4.73
C PRO A 141 -13.22 9.96 -3.82
N GLY A 142 -12.99 9.66 -2.56
CA GLY A 142 -14.09 9.37 -1.63
C GLY A 142 -15.07 10.52 -1.45
N LEU A 143 -14.56 11.73 -1.20
CA LEU A 143 -15.45 12.88 -1.12
C LEU A 143 -16.28 13.03 -2.40
N GLY A 144 -15.66 12.70 -3.56
CA GLY A 144 -16.27 12.91 -4.89
C GLY A 144 -17.06 11.75 -5.50
N LEU A 145 -17.55 10.79 -4.72
CA LEU A 145 -18.41 9.68 -5.13
C LEU A 145 -17.65 8.55 -5.86
N ASN A 146 -16.31 8.49 -5.71
CA ASN A 146 -15.48 7.39 -6.20
C ASN A 146 -14.74 6.65 -5.06
N ASN A 147 -15.30 6.65 -3.84
CA ASN A 147 -14.79 5.77 -2.77
C ASN A 147 -14.76 4.32 -3.22
N VAL A 148 -13.72 3.58 -2.80
CA VAL A 148 -13.60 2.15 -3.12
C VAL A 148 -14.77 1.30 -2.58
N LEU A 149 -15.54 1.79 -1.58
CA LEU A 149 -16.69 1.06 -1.04
C LEU A 149 -18.03 1.45 -1.69
N VAL A 150 -18.06 2.37 -2.67
CA VAL A 150 -19.32 2.65 -3.38
C VAL A 150 -19.82 1.39 -4.07
N GLY A 151 -21.09 1.05 -3.83
CA GLY A 151 -21.71 -0.18 -4.27
C GLY A 151 -22.45 -0.84 -3.12
N PRO A 152 -23.07 -2.00 -3.37
CA PRO A 152 -23.65 -2.78 -2.26
C PRO A 152 -22.61 -3.09 -1.19
N ASN A 153 -23.05 -3.11 0.08
CA ASN A 153 -22.13 -3.57 1.12
C ASN A 153 -22.07 -5.09 1.15
N GLN A 154 -20.85 -5.62 1.33
CA GLN A 154 -20.66 -7.06 1.54
C GLN A 154 -20.58 -7.27 3.06
N ASP A 155 -21.75 -7.61 3.64
CA ASP A 155 -21.95 -7.63 5.10
C ASP A 155 -21.01 -8.62 5.81
N GLU A 156 -20.67 -9.73 5.17
CA GLU A 156 -19.80 -10.72 5.81
C GLU A 156 -18.43 -10.16 6.15
N PHE A 157 -17.96 -9.15 5.42
CA PHE A 157 -16.64 -8.58 5.64
C PHE A 157 -16.66 -7.39 6.60
N GLY A 158 -17.73 -6.59 6.64
CA GLY A 158 -17.72 -5.38 7.43
C GLY A 158 -18.98 -4.54 7.32
N PRO A 159 -19.02 -3.39 8.02
CA PRO A 159 -20.23 -2.57 8.14
C PRO A 159 -20.46 -1.64 6.94
N ARG A 160 -21.72 -1.22 6.80
CA ARG A 160 -22.09 -0.30 5.71
C ARG A 160 -21.30 1.02 5.80
N PHE A 161 -21.14 1.57 7.02
CA PHE A 161 -20.49 2.88 7.23
C PHE A 161 -19.26 2.73 8.13
N PRO A 162 -18.09 2.44 7.58
CA PRO A 162 -16.88 2.32 8.43
C PRO A 162 -16.39 3.63 9.01
N ASP A 163 -15.85 3.53 10.23
CA ASP A 163 -15.10 4.61 10.87
C ASP A 163 -13.61 4.41 10.63
N LEU A 164 -12.92 5.41 10.07
CA LEU A 164 -11.50 5.33 9.68
C LEU A 164 -10.57 5.99 10.71
N SER A 165 -11.08 6.39 11.88
CA SER A 165 -10.25 7.15 12.82
C SER A 165 -9.07 6.34 13.36
N ASN A 166 -9.13 5.01 13.34
CA ASN A 166 -8.00 4.19 13.77
C ASN A 166 -7.48 3.29 12.65
N ALA A 167 -7.63 3.74 11.39
CA ALA A 167 -7.19 2.92 10.26
C ALA A 167 -5.69 2.68 10.26
N TYR A 168 -4.89 3.65 10.74
CA TYR A 168 -3.43 3.56 10.77
C TYR A 168 -3.01 3.27 12.21
N ASP A 169 -2.70 2.02 12.51
CA ASP A 169 -2.42 1.57 13.87
C ASP A 169 -1.28 2.36 14.53
N ARG A 170 -1.54 2.90 15.72
CA ARG A 170 -0.55 3.72 16.42
C ARG A 170 0.65 2.89 16.92
N LEU A 171 0.41 1.69 17.47
CA LEU A 171 1.52 0.89 17.96
C LEU A 171 2.43 0.42 16.82
N LEU A 172 1.89 0.21 15.61
CA LEU A 172 2.75 -0.18 14.50
C LEU A 172 3.64 0.97 14.07
N GLN A 173 3.11 2.19 14.07
CA GLN A 173 3.94 3.36 13.80
C GLN A 173 5.07 3.47 14.83
N GLN A 174 4.76 3.19 16.11
CA GLN A 174 5.78 3.32 17.14
C GLN A 174 6.87 2.26 16.98
N LEU A 175 6.51 1.05 16.53
CA LEU A 175 7.51 0.01 16.31
C LEU A 175 8.41 0.35 15.13
N ALA A 176 7.83 0.87 14.05
CA ALA A 176 8.63 1.28 12.89
C ALA A 176 9.66 2.34 13.29
N LEU A 177 9.23 3.35 14.05
CA LEU A 177 10.15 4.38 14.50
C LEU A 177 11.22 3.82 15.44
N LYS A 178 10.85 2.93 16.36
CA LYS A 178 11.81 2.35 17.27
C LYS A 178 12.95 1.65 16.52
N ILE A 179 12.61 0.89 15.46
CA ILE A 179 13.61 0.16 14.70
C ILE A 179 14.52 1.12 13.95
N ALA A 180 13.96 2.23 13.42
CA ALA A 180 14.80 3.25 12.78
C ALA A 180 15.78 3.88 13.78
N GLN A 181 15.35 4.08 15.02
CA GLN A 181 16.24 4.62 16.05
C GLN A 181 17.37 3.64 16.38
N GLU A 182 17.04 2.34 16.44
CA GLU A 182 18.05 1.33 16.75
C GLU A 182 19.17 1.30 15.70
N ASN A 183 18.84 1.61 14.45
CA ASN A 183 19.77 1.57 13.33
C ASN A 183 20.23 2.96 12.88
N ASP A 184 19.95 4.00 13.68
CA ASP A 184 20.47 5.36 13.49
C ASP A 184 20.08 5.97 12.14
N PHE A 185 18.85 5.72 11.67
CA PHE A 185 18.32 6.49 10.54
C PHE A 185 16.99 7.18 10.85
N GLN A 186 16.69 7.39 12.14
CA GLN A 186 15.48 8.12 12.52
C GLN A 186 15.46 9.54 11.97
N ASP A 187 16.62 10.13 11.64
CA ASP A 187 16.62 11.46 11.03
C ASP A 187 15.93 11.48 9.68
N LEU A 188 15.68 10.32 9.06
CA LEU A 188 14.95 10.25 7.81
C LEU A 188 13.45 10.05 7.97
N VAL A 189 12.94 9.82 9.19
CA VAL A 189 11.58 9.31 9.40
C VAL A 189 10.70 10.40 9.99
N HIS A 190 9.66 10.78 9.25
CA HIS A 190 8.64 11.74 9.65
C HIS A 190 7.30 11.03 9.82
N GLU A 191 6.28 11.78 10.28
CA GLU A 191 4.88 11.32 10.22
C GLU A 191 4.06 12.36 9.47
N GLY A 192 2.92 11.96 8.92
CA GLY A 192 2.17 12.91 8.11
C GLY A 192 0.85 12.40 7.56
N VAL A 193 0.10 13.34 7.01
CA VAL A 193 -1.21 13.11 6.38
C VAL A 193 -1.04 12.94 4.87
N TYR A 194 -1.60 11.85 4.32
CA TYR A 194 -1.49 11.48 2.90
C TYR A 194 -2.73 11.90 2.12
N ALA A 195 -2.54 12.71 1.08
CA ALA A 195 -3.62 13.06 0.16
C ALA A 195 -3.64 12.10 -1.02
N PHE A 196 -4.82 11.55 -1.34
CA PHE A 196 -5.02 10.64 -2.47
C PHE A 196 -5.46 11.46 -3.70
N ASN A 197 -4.54 11.60 -4.68
CA ASN A 197 -4.81 12.11 -6.03
C ASN A 197 -5.08 10.91 -6.93
N GLY A 198 -6.27 10.83 -7.52
CA GLY A 198 -6.56 9.69 -8.38
C GLY A 198 -5.52 9.47 -9.49
N GLY A 199 -4.98 10.56 -10.05
CA GLY A 199 -3.94 10.42 -11.09
C GLY A 199 -4.51 10.11 -12.49
N PRO A 200 -3.65 9.81 -13.47
CA PRO A 200 -2.21 9.52 -13.37
C PRO A 200 -1.27 10.71 -13.63
N THR A 201 -1.81 11.91 -13.86
CA THR A 201 -0.95 13.09 -13.95
C THR A 201 -0.43 13.45 -12.56
N TYR A 202 0.86 13.79 -12.48
CA TYR A 202 1.41 14.32 -11.22
C TYR A 202 0.61 15.56 -10.82
N GLU A 203 0.51 15.80 -9.50
CA GLU A 203 -0.04 17.06 -9.01
C GLU A 203 0.57 18.27 -9.74
N SER A 204 -0.30 19.17 -10.22
CA SER A 204 0.19 20.38 -10.88
C SER A 204 0.75 21.35 -9.85
N PRO A 205 1.51 22.36 -10.29
CA PRO A 205 2.05 23.33 -9.32
C PRO A 205 0.97 23.98 -8.48
N ASP A 206 -0.17 24.33 -9.10
CA ASP A 206 -1.23 24.98 -8.34
C ASP A 206 -2.03 24.00 -7.49
N GLU A 207 -2.21 22.75 -7.93
CA GLU A 207 -2.76 21.74 -7.03
C GLU A 207 -1.87 21.55 -5.80
N SER A 208 -0.54 21.55 -5.98
CA SER A 208 0.37 21.40 -4.84
C SER A 208 0.16 22.53 -3.84
N ASN A 209 0.09 23.77 -4.33
CA ASN A 209 -0.13 24.93 -3.45
C ASN A 209 -1.45 24.80 -2.70
N MET A 210 -2.50 24.30 -3.35
CA MET A 210 -3.77 24.06 -2.69
C MET A 210 -3.62 23.03 -1.56
N LEU A 211 -2.91 21.93 -1.83
CA LEU A 211 -2.77 20.87 -0.83
C LEU A 211 -2.03 21.36 0.42
N LEU A 212 -1.08 22.27 0.24
CA LEU A 212 -0.38 22.85 1.38
C LEU A 212 -1.36 23.60 2.28
N LYS A 213 -2.24 24.40 1.69
CA LYS A 213 -3.26 25.14 2.44
C LYS A 213 -4.19 24.22 3.21
N LEU A 214 -4.44 23.01 2.70
CA LEU A 214 -5.44 22.11 3.26
C LEU A 214 -4.89 21.12 4.30
N GLY A 215 -3.62 21.24 4.65
CA GLY A 215 -3.06 20.42 5.70
C GLY A 215 -2.49 19.09 5.25
N CYS A 216 -2.24 18.91 3.95
CA CYS A 216 -1.64 17.68 3.45
C CYS A 216 -0.13 17.75 3.60
N ASP A 217 0.47 16.64 4.01
CA ASP A 217 1.92 16.55 4.08
C ASP A 217 2.55 15.87 2.89
N VAL A 218 1.85 14.88 2.31
CA VAL A 218 2.34 14.03 1.22
C VAL A 218 1.17 13.83 0.24
N VAL A 219 1.47 13.58 -1.05
CA VAL A 219 0.43 13.28 -2.05
C VAL A 219 0.86 12.09 -2.92
N GLY A 220 -0.09 11.21 -3.25
CA GLY A 220 0.18 10.11 -4.15
C GLY A 220 -1.09 9.50 -4.70
N MET A 221 -0.90 8.45 -5.53
CA MET A 221 -1.99 7.88 -6.33
C MET A 221 -2.40 6.46 -5.92
N SER A 222 -2.05 5.99 -4.71
CA SER A 222 -2.33 4.62 -4.31
C SER A 222 -2.69 4.61 -2.82
N THR A 223 -2.69 3.39 -2.26
CA THR A 223 -2.69 3.12 -0.81
C THR A 223 -4.03 3.33 -0.11
N VAL A 224 -4.69 4.48 -0.29
CA VAL A 224 -5.95 4.73 0.41
C VAL A 224 -7.02 3.69 0.07
N PRO A 225 -7.21 3.25 -1.20
CA PRO A 225 -8.20 2.17 -1.46
C PRO A 225 -7.95 0.90 -0.67
N GLU A 226 -6.69 0.43 -0.63
CA GLU A 226 -6.38 -0.78 0.11
C GLU A 226 -6.56 -0.60 1.62
N VAL A 227 -6.16 0.57 2.15
CA VAL A 227 -6.36 0.85 3.56
C VAL A 227 -7.84 0.75 3.94
N ILE A 228 -8.72 1.31 3.10
CA ILE A 228 -10.15 1.33 3.41
C ILE A 228 -10.72 -0.09 3.39
N ILE A 229 -10.36 -0.90 2.39
CA ILE A 229 -10.86 -2.29 2.35
C ILE A 229 -10.33 -3.09 3.56
N ALA A 230 -9.06 -2.91 3.93
CA ALA A 230 -8.50 -3.55 5.12
C ALA A 230 -9.21 -3.13 6.42
N CYS A 231 -9.41 -1.82 6.60
CA CYS A 231 -10.07 -1.32 7.82
C CYS A 231 -11.50 -1.85 7.93
N HIS A 232 -12.22 -1.87 6.81
CA HIS A 232 -13.59 -2.38 6.74
C HIS A 232 -13.71 -3.80 7.29
N CYS A 233 -12.72 -4.68 7.00
CA CYS A 233 -12.76 -6.06 7.44
C CYS A 233 -11.83 -6.35 8.63
N GLY A 234 -11.36 -5.32 9.33
CA GLY A 234 -10.67 -5.56 10.61
C GLY A 234 -9.20 -5.90 10.55
N ILE A 235 -8.52 -5.57 9.47
CA ILE A 235 -7.08 -5.79 9.32
C ILE A 235 -6.33 -4.51 9.72
N LYS A 236 -5.33 -4.66 10.60
CA LYS A 236 -4.51 -3.51 11.04
C LYS A 236 -3.53 -3.12 9.93
N VAL A 237 -3.19 -1.83 9.85
CA VAL A 237 -2.40 -1.30 8.73
C VAL A 237 -1.22 -0.45 9.22
N LEU A 238 -0.05 -0.65 8.58
CA LEU A 238 1.08 0.27 8.61
C LEU A 238 1.36 0.69 7.17
N ALA A 239 1.40 2.00 6.88
CA ALA A 239 1.65 2.52 5.54
C ALA A 239 2.78 3.55 5.59
N VAL A 240 3.78 3.38 4.71
CA VAL A 240 4.98 4.23 4.70
C VAL A 240 5.20 4.75 3.28
N SER A 241 5.35 6.08 3.14
CA SER A 241 5.71 6.71 1.86
C SER A 241 7.21 6.99 1.80
N LEU A 242 7.81 6.72 0.63
CA LEU A 242 9.14 7.20 0.27
C LEU A 242 8.99 8.46 -0.60
N ILE A 243 9.59 9.56 -0.18
CA ILE A 243 9.41 10.86 -0.82
C ILE A 243 10.39 11.00 -1.97
N ALA A 244 9.88 11.27 -3.18
CA ALA A 244 10.73 11.39 -4.35
C ALA A 244 11.20 12.83 -4.60
N ASN A 245 10.44 13.82 -4.14
CA ASN A 245 10.68 15.22 -4.46
C ASN A 245 9.83 16.05 -3.50
N ASN A 246 10.10 17.37 -3.43
CA ASN A 246 9.19 18.29 -2.75
C ASN A 246 8.50 19.15 -3.80
N SER A 247 7.19 18.94 -4.01
CA SER A 247 6.48 19.60 -5.08
C SER A 247 6.26 21.10 -4.85
N ILE A 248 6.28 21.54 -3.58
CA ILE A 248 6.18 22.97 -3.29
C ILE A 248 7.47 23.69 -3.66
N LEU A 249 8.63 23.13 -3.28
CA LEU A 249 9.91 23.71 -3.73
C LEU A 249 9.99 23.69 -5.25
N ASP A 250 9.58 22.60 -5.88
CA ASP A 250 9.67 22.52 -7.33
C ASP A 250 8.81 23.61 -7.99
N ALA A 251 7.63 23.90 -7.43
CA ALA A 251 6.80 24.95 -8.03
C ALA A 251 7.44 26.33 -7.89
N GLU A 252 8.11 26.57 -6.78
CA GLU A 252 8.79 27.87 -6.55
C GLU A 252 9.98 28.06 -7.49
N ASN A 253 10.63 26.97 -7.92
CA ASN A 253 11.85 27.02 -8.73
C ASN A 253 11.60 26.59 -10.18
N ASP A 254 10.35 26.33 -10.57
CA ASP A 254 9.97 25.86 -11.90
C ASP A 254 10.80 24.64 -12.38
N VAL A 255 10.80 23.60 -11.55
CA VAL A 255 11.49 22.34 -11.80
C VAL A 255 10.46 21.23 -11.99
N SER A 256 10.73 20.29 -12.89
CA SER A 256 9.78 19.24 -13.25
C SER A 256 10.06 17.92 -12.52
N ILE A 257 9.03 17.09 -12.43
CA ILE A 257 9.15 15.73 -11.89
C ILE A 257 8.90 14.78 -13.05
N ASN A 258 9.44 13.57 -12.95
CA ASN A 258 9.17 12.58 -13.98
C ASN A 258 9.46 11.19 -13.43
N HIS A 259 8.93 10.17 -14.13
CA HIS A 259 9.01 8.81 -13.61
C HIS A 259 10.47 8.35 -13.46
N GLU A 260 11.36 8.84 -14.32
CA GLU A 260 12.74 8.40 -14.28
C GLU A 260 13.44 8.88 -13.01
N LYS A 261 13.23 10.14 -12.66
CA LYS A 261 13.82 10.67 -11.42
C LYS A 261 13.27 9.94 -10.21
N VAL A 262 11.96 9.62 -10.24
CA VAL A 262 11.33 8.92 -9.14
C VAL A 262 12.01 7.58 -8.91
N LEU A 263 12.21 6.82 -9.97
CA LEU A 263 12.75 5.47 -9.81
C LEU A 263 14.21 5.49 -9.38
N ALA A 264 14.94 6.55 -9.68
CA ALA A 264 16.31 6.64 -9.16
C ALA A 264 16.31 6.83 -7.64
N VAL A 265 15.33 7.58 -7.11
CA VAL A 265 15.22 7.68 -5.64
C VAL A 265 14.87 6.33 -5.05
N ALA A 266 13.96 5.59 -5.70
CA ALA A 266 13.62 4.25 -5.23
C ALA A 266 14.85 3.36 -5.15
N GLU A 267 15.71 3.36 -6.18
CA GLU A 267 16.90 2.51 -6.15
C GLU A 267 17.82 2.92 -5.01
N LYS A 268 17.91 4.23 -4.74
CA LYS A 268 18.78 4.73 -3.68
C LYS A 268 18.38 4.23 -2.30
N ARG A 269 17.08 4.08 -2.05
CA ARG A 269 16.59 3.71 -0.72
C ARG A 269 16.07 2.27 -0.63
N ALA A 270 16.10 1.50 -1.73
CA ALA A 270 15.48 0.17 -1.73
C ALA A 270 16.07 -0.76 -0.66
N ASP A 271 17.40 -0.80 -0.54
CA ASP A 271 18.00 -1.80 0.35
C ASP A 271 17.75 -1.48 1.82
N LEU A 272 17.74 -0.19 2.20
CA LEU A 272 17.41 0.22 3.56
C LEU A 272 15.95 -0.09 3.88
N LEU A 273 15.03 0.19 2.93
CA LEU A 273 13.63 -0.13 3.16
C LEU A 273 13.43 -1.64 3.31
N GLN A 274 14.16 -2.44 2.53
CA GLN A 274 14.08 -3.89 2.66
C GLN A 274 14.51 -4.34 4.05
N MET A 275 15.64 -3.83 4.54
CA MET A 275 16.11 -4.22 5.87
C MET A 275 15.14 -3.76 6.96
N TRP A 276 14.58 -2.55 6.81
CA TRP A 276 13.64 -2.02 7.79
C TRP A 276 12.40 -2.90 7.91
N PHE A 277 11.80 -3.26 6.76
CA PHE A 277 10.54 -4.01 6.79
C PHE A 277 10.78 -5.47 7.19
N LYS A 278 11.95 -6.04 6.90
CA LYS A 278 12.27 -7.38 7.40
C LYS A 278 12.23 -7.41 8.93
N GLU A 279 12.83 -6.41 9.58
CA GLU A 279 12.84 -6.34 11.03
C GLU A 279 11.46 -6.06 11.60
N ILE A 280 10.69 -5.17 10.94
CA ILE A 280 9.31 -4.91 11.38
C ILE A 280 8.51 -6.22 11.41
N ILE A 281 8.56 -6.99 10.32
CA ILE A 281 7.89 -8.30 10.25
C ILE A 281 8.35 -9.20 11.40
N THR A 282 9.66 -9.27 11.62
CA THR A 282 10.18 -10.15 12.68
C THR A 282 9.64 -9.77 14.06
N ARG A 283 9.49 -8.45 14.30
CA ARG A 283 9.16 -7.91 15.62
C ARG A 283 7.66 -7.75 15.89
N LEU A 284 6.81 -7.93 14.89
CA LEU A 284 5.38 -7.74 15.10
C LEU A 284 4.89 -8.57 16.28
N PRO A 285 4.03 -8.00 17.15
CA PRO A 285 3.57 -8.72 18.35
C PRO A 285 3.01 -10.11 18.05
S DMS B . -16.90 -2.79 -2.19
O DMS B . -17.63 -4.09 -2.00
C1 DMS B . -15.43 -3.17 -3.17
C2 DMS B . -17.83 -1.88 -3.45
H11 DMS B . -14.79 -3.79 -2.61
H12 DMS B . -15.72 -3.66 -4.06
H13 DMS B . -14.93 -2.27 -3.40
H21 DMS B . -17.94 -2.47 -4.31
H22 DMS B . -17.32 -0.98 -3.69
H23 DMS B . -18.79 -1.63 -3.06
S DMS C . -14.36 -0.06 10.80
O DMS C . -15.69 0.64 11.11
C1 DMS C . -13.35 0.18 12.29
C2 DMS C . -14.70 -1.82 10.79
H11 DMS C . -13.88 -0.19 13.13
H12 DMS C . -13.15 1.21 12.42
H13 DMS C . -12.44 -0.35 12.18
H21 DMS C . -15.36 -2.06 10.00
H22 DMS C . -15.14 -2.10 11.72
H23 DMS C . -13.79 -2.35 10.67
S DMS D . -8.67 -1.81 -17.80
O DMS D . -8.62 -2.35 -16.41
C1 DMS D . -9.04 -3.16 -18.94
C2 DMS D . -10.17 -0.81 -18.02
H11 DMS D . -9.16 -2.77 -19.91
H12 DMS D . -9.94 -3.64 -18.64
H13 DMS D . -8.25 -3.85 -18.93
H21 DMS D . -10.24 -0.49 -19.03
H22 DMS D . -10.12 0.04 -17.39
H23 DMS D . -11.02 -1.39 -17.77
S DMS E . -0.49 -11.13 14.11
O DMS E . 0.68 -10.90 13.19
C1 DMS E . -1.44 -9.70 14.67
C2 DMS E . -1.58 -12.43 13.59
H11 DMS E . -2.26 -10.03 15.24
H12 DMS E . -1.78 -9.15 13.83
H13 DMS E . -0.83 -9.08 15.27
H21 DMS E . -1.91 -12.24 12.59
H22 DMS E . -2.41 -12.49 14.23
H23 DMS E . -1.06 -13.36 13.61
S DMS F . 5.18 7.37 -9.64
O DMS F . 6.02 7.98 -10.74
C1 DMS F . 3.39 7.64 -9.81
C2 DMS F . 5.34 5.57 -9.61
H11 DMS F . 2.88 7.09 -9.05
H12 DMS F . 3.07 7.28 -10.75
H13 DMS F . 3.17 8.66 -9.72
H21 DMS F . 4.67 5.17 -8.90
H22 DMS F . 6.33 5.31 -9.36
H23 DMS F . 5.11 5.18 -10.56
S DMS G . 12.32 14.49 11.96
O DMS G . 12.41 13.38 10.96
C1 DMS G . 12.92 16.04 11.23
C2 DMS G . 10.60 14.91 12.32
H11 DMS G . 12.39 16.24 10.34
H12 DMS G . 13.95 15.94 11.01
H13 DMS G . 12.79 16.83 11.91
H21 DMS G . 10.12 14.09 12.79
H22 DMS G . 10.10 15.15 11.42
H23 DMS G . 10.57 15.76 12.97
S DMS H . 3.58 3.50 -5.84
O DMS H . 4.68 3.40 -4.87
C1 DMS H . 3.22 1.80 -6.43
C2 DMS H . 2.09 4.20 -5.16
H11 DMS H . 2.39 1.82 -7.07
H12 DMS H . 3.03 1.18 -5.59
H13 DMS H . 4.06 1.43 -6.95
H21 DMS H . 2.25 5.21 -4.89
H22 DMS H . 1.79 3.65 -4.31
H23 DMS H . 1.31 4.16 -5.88
C4 CQJ I . 3.36 11.23 -6.97
C5 CQJ I . 4.42 10.44 -7.00
C3 CQJ I . 4.98 13.02 -6.99
C2 CQJ I . 6.14 12.18 -6.52
C1 CQJ I . 5.79 10.97 -6.87
O CQJ I . 2.06 10.86 -7.07
N CQJ I . 3.75 12.64 -6.93
C CQJ I . 6.72 9.78 -6.61
H6 CQJ I . 4.30 9.52 -7.09
H4 CQJ I . 5.16 13.87 -7.36
H3 CQJ I . 7.02 12.46 -6.66
H5 CQJ I . 1.57 11.52 -6.99
H CQJ I . 6.68 9.53 -5.71
H1 CQJ I . 7.59 10.01 -6.84
H2 CQJ I . 6.44 9.05 -7.14
#